data_2IYN
#
_entry.id   2IYN
#
_cell.length_a   50.742
_cell.length_b   105.829
_cell.length_c   135.510
_cell.angle_alpha   90.00
_cell.angle_beta   90.00
_cell.angle_gamma   90.00
#
_symmetry.space_group_name_H-M   'C 2 2 21'
#
loop_
_entity.id
_entity.type
_entity.pdbx_description
1 polymer 'PHOSPHATE REGULON TRANSCRIPTIONAL REGULATORY PROTEIN PHOB'
2 non-polymer 'MAGNESIUM ION'
3 water water
#
_entity_poly.entity_id   1
_entity_poly.type   'polypeptide(L)'
_entity_poly.pdbx_seq_one_letter_code
;MARRILVVEDEAPIREMVCFVLEQNGFQPVEAEDYDSAVNQLNEPWPDLILLDWMLPGGSGIQFIKHLKRESMTRDIPVV
MLTARGEEEDRVRGLETGADDYITKPFSPKELVARIKAVMRRISPMA
;
_entity_poly.pdbx_strand_id   A,B,C
#
loop_
_chem_comp.id
_chem_comp.type
_chem_comp.name
_chem_comp.formula
MG non-polymer 'MAGNESIUM ION' 'Mg 2'
#
# COMPACT_ATOMS: atom_id res chain seq x y z
N ARG A 3 -14.78 -17.05 13.85
CA ARG A 3 -13.70 -16.94 14.88
C ARG A 3 -13.08 -15.54 14.91
N ARG A 4 -13.26 -14.85 16.02
CA ARG A 4 -13.11 -13.39 16.05
C ARG A 4 -11.79 -12.94 16.66
N ILE A 5 -11.03 -12.18 15.89
CA ILE A 5 -9.69 -11.74 16.30
C ILE A 5 -9.60 -10.22 16.27
N LEU A 6 -9.32 -9.62 17.42
CA LEU A 6 -9.15 -8.20 17.50
C LEU A 6 -7.73 -7.81 17.10
N VAL A 7 -7.63 -6.97 16.07
CA VAL A 7 -6.32 -6.52 15.58
C VAL A 7 -6.07 -5.06 15.99
N VAL A 8 -5.19 -4.91 16.97
CA VAL A 8 -4.88 -3.58 17.53
C VAL A 8 -3.52 -3.15 16.99
N GLU A 9 -3.51 -2.16 16.11
CA GLU A 9 -2.34 -1.83 15.31
C GLU A 9 -2.52 -0.51 14.55
N ASP A 10 -1.61 0.43 14.80
CA ASP A 10 -1.83 1.79 14.36
C ASP A 10 -1.34 2.09 12.96
N GLU A 11 -0.42 1.26 12.46
CA GLU A 11 0.04 1.40 11.08
C GLU A 11 -0.93 0.65 10.21
N ALA A 12 -1.69 1.43 9.46
CA ALA A 12 -2.78 0.90 8.67
C ALA A 12 -2.38 -0.23 7.69
N PRO A 13 -1.24 -0.15 7.00
CA PRO A 13 -0.91 -1.19 6.00
C PRO A 13 -0.61 -2.52 6.70
N ILE A 14 0.05 -2.46 7.83
CA ILE A 14 0.25 -3.64 8.66
C ILE A 14 -1.09 -4.21 9.18
N ARG A 15 -1.93 -3.35 9.76
CA ARG A 15 -3.26 -3.79 10.23
C ARG A 15 -4.04 -4.42 9.09
N GLU A 16 -4.01 -3.81 7.93
CA GLU A 16 -4.71 -4.32 6.76
C GLU A 16 -4.07 -5.62 6.24
N MET A 17 -2.77 -5.74 6.40
CA MET A 17 -2.07 -6.95 5.99
C MET A 17 -2.52 -8.10 6.86
N VAL A 18 -2.51 -7.86 8.17
CA VAL A 18 -2.91 -8.81 9.17
C VAL A 18 -4.40 -9.22 9.01
N CYS A 19 -5.28 -8.27 8.70
CA CYS A 19 -6.68 -8.56 8.52
C CYS A 19 -6.99 -9.43 7.29
N PHE A 20 -6.25 -9.21 6.21
CA PHE A 20 -6.35 -10.01 5.01
C PHE A 20 -5.90 -11.49 5.23
N VAL A 21 -4.79 -11.68 5.94
CA VAL A 21 -4.31 -13.02 6.27
C VAL A 21 -5.33 -13.79 7.07
N LEU A 22 -5.90 -13.15 8.10
CA LEU A 22 -6.88 -13.81 8.95
C LEU A 22 -8.16 -14.12 8.15
N GLU A 23 -8.64 -13.11 7.44
CA GLU A 23 -9.81 -13.21 6.60
C GLU A 23 -9.73 -14.37 5.62
N GLN A 24 -8.62 -14.45 4.89
CA GLN A 24 -8.38 -15.50 3.90
C GLN A 24 -8.17 -16.85 4.57
N ASN A 25 -7.95 -16.82 5.87
CA ASN A 25 -7.68 -18.02 6.65
C ASN A 25 -8.83 -18.48 7.54
N GLY A 26 -9.96 -17.79 7.45
CA GLY A 26 -11.22 -18.26 8.03
C GLY A 26 -11.64 -17.59 9.33
N PHE A 27 -10.89 -16.56 9.72
CA PHE A 27 -11.26 -15.77 10.90
C PHE A 27 -12.05 -14.53 10.55
N GLN A 28 -12.66 -13.95 11.57
CA GLN A 28 -13.38 -12.68 11.54
C GLN A 28 -12.51 -11.68 12.30
N PRO A 29 -11.74 -10.85 11.59
CA PRO A 29 -10.88 -9.87 12.24
C PRO A 29 -11.63 -8.56 12.57
N VAL A 30 -11.23 -7.96 13.68
CA VAL A 30 -11.73 -6.66 14.09
C VAL A 30 -10.57 -5.68 14.19
N GLU A 31 -10.72 -4.50 13.63
CA GLU A 31 -9.62 -3.55 13.58
C GLU A 31 -9.73 -2.48 14.65
N ALA A 32 -8.59 -2.13 15.23
CA ALA A 32 -8.51 -0.93 16.04
C ALA A 32 -7.22 -0.22 15.74
N GLU A 33 -7.31 1.09 15.42
CA GLU A 33 -6.17 1.92 15.05
C GLU A 33 -5.37 2.58 16.21
N ASP A 34 -5.94 2.63 17.40
CA ASP A 34 -5.25 3.23 18.55
C ASP A 34 -5.78 2.68 19.85
N TYR A 35 -5.31 3.17 20.99
CA TYR A 35 -5.71 2.62 22.28
C TYR A 35 -7.22 2.76 22.54
N ASP A 36 -7.70 3.99 22.45
CA ASP A 36 -9.11 4.28 22.67
C ASP A 36 -10.01 3.43 21.82
N SER A 37 -9.74 3.38 20.52
CA SER A 37 -10.56 2.58 19.62
C SER A 37 -10.56 1.09 19.98
N ALA A 38 -9.45 0.59 20.53
CA ALA A 38 -9.36 -0.80 20.98
C ALA A 38 -10.26 -1.02 22.18
N VAL A 39 -10.16 -0.16 23.16
CA VAL A 39 -11.04 -0.24 24.32
C VAL A 39 -12.51 -0.25 23.91
N ASN A 40 -12.91 0.63 22.98
CA ASN A 40 -14.28 0.64 22.50
C ASN A 40 -14.65 -0.60 21.64
N GLN A 41 -13.65 -1.44 21.32
CA GLN A 41 -13.96 -2.73 20.68
C GLN A 41 -14.11 -3.86 21.72
N LEU A 42 -13.97 -3.54 23.00
CA LEU A 42 -14.19 -4.54 24.05
C LEU A 42 -15.67 -4.61 24.46
N ASN A 43 -16.48 -5.20 23.57
CA ASN A 43 -17.90 -5.48 23.83
C ASN A 43 -18.39 -6.62 22.96
N GLU A 44 -19.60 -7.10 23.20
CA GLU A 44 -20.30 -8.06 22.31
C GLU A 44 -20.37 -7.53 20.86
N PRO A 45 -19.93 -8.34 19.89
CA PRO A 45 -19.36 -9.68 20.13
C PRO A 45 -17.89 -9.62 20.54
N TRP A 46 -17.51 -10.55 21.39
CA TRP A 46 -16.22 -10.55 22.05
C TRP A 46 -15.06 -11.21 21.27
N PRO A 47 -13.89 -10.54 21.24
CA PRO A 47 -12.64 -11.12 20.73
C PRO A 47 -12.31 -12.48 21.34
N ASP A 48 -11.93 -13.45 20.51
CA ASP A 48 -11.48 -14.74 20.99
C ASP A 48 -9.94 -14.71 21.17
N LEU A 49 -9.29 -13.71 20.57
CA LEU A 49 -7.87 -13.46 20.71
C LEU A 49 -7.57 -12.02 20.29
N ILE A 50 -6.60 -11.38 20.95
CA ILE A 50 -6.21 -10.03 20.60
C ILE A 50 -4.78 -10.05 20.10
N LEU A 51 -4.59 -9.50 18.90
CA LEU A 51 -3.26 -9.28 18.41
C LEU A 51 -2.99 -7.84 18.70
N LEU A 52 -1.95 -7.62 19.49
CA LEU A 52 -1.75 -6.33 20.14
C LEU A 52 -0.42 -5.73 19.76
N ASP A 53 -0.44 -4.61 19.06
CA ASP A 53 0.80 -3.90 18.72
C ASP A 53 1.38 -3.31 20.01
N TRP A 54 2.71 -3.25 20.10
CA TRP A 54 3.40 -2.88 21.32
C TRP A 54 3.19 -1.42 21.73
N MET A 55 3.02 -0.52 20.75
CA MET A 55 2.82 0.90 21.03
C MET A 55 1.73 1.53 20.13
N LEU A 56 0.84 2.33 20.70
CA LEU A 56 -0.20 2.98 19.90
C LEU A 56 -0.43 4.39 20.34
N PRO A 57 -0.91 5.24 19.43
CA PRO A 57 -1.38 6.58 19.82
C PRO A 57 -2.38 6.49 20.99
N GLY A 58 -2.12 7.19 22.08
CA GLY A 58 -3.01 7.15 23.24
C GLY A 58 -2.72 6.04 24.26
N GLY A 59 -1.76 5.15 23.98
CA GLY A 59 -1.41 4.14 24.98
C GLY A 59 -0.59 2.98 24.48
N SER A 60 0.16 2.35 25.39
CA SER A 60 1.06 1.24 25.02
C SER A 60 0.32 -0.09 25.10
N GLY A 61 0.96 -1.17 24.65
CA GLY A 61 0.37 -2.49 24.74
C GLY A 61 0.31 -3.01 26.18
N ILE A 62 1.36 -2.70 26.94
CA ILE A 62 1.44 -3.02 28.36
C ILE A 62 0.22 -2.42 29.07
N GLN A 63 -0.14 -1.16 28.80
CA GLN A 63 -1.34 -0.56 29.43
C GLN A 63 -2.62 -1.22 29.00
N PHE A 64 -2.72 -1.59 27.73
CA PHE A 64 -3.96 -2.25 27.27
C PHE A 64 -4.14 -3.58 27.95
N ILE A 65 -3.05 -4.32 28.17
CA ILE A 65 -3.08 -5.64 28.83
C ILE A 65 -3.53 -5.45 30.26
N LYS A 66 -3.16 -4.33 30.87
CA LYS A 66 -3.60 -4.08 32.24
C LYS A 66 -5.10 -3.81 32.27
N HIS A 67 -5.59 -3.12 31.24
CA HIS A 67 -7.01 -2.81 31.14
C HIS A 67 -7.81 -4.14 30.96
N LEU A 68 -7.28 -5.02 30.12
CA LEU A 68 -7.83 -6.36 29.94
C LEU A 68 -7.86 -7.09 31.28
N LYS A 69 -6.74 -7.15 32.00
CA LYS A 69 -6.71 -7.94 33.25
C LYS A 69 -7.56 -7.38 34.40
N ARG A 70 -8.06 -6.16 34.24
CA ARG A 70 -8.94 -5.57 35.24
C ARG A 70 -10.39 -6.07 35.23
N GLU A 71 -10.87 -6.69 34.16
CA GLU A 71 -12.26 -7.21 34.18
C GLU A 71 -12.35 -8.70 33.86
N SER A 72 -13.37 -9.39 34.40
CA SER A 72 -13.52 -10.85 34.24
C SER A 72 -13.82 -11.28 32.81
N MET A 73 -14.51 -10.40 32.08
CA MET A 73 -14.89 -10.65 30.70
C MET A 73 -13.69 -10.63 29.75
N THR A 74 -12.66 -9.86 30.11
CA THR A 74 -11.52 -9.66 29.24
C THR A 74 -10.25 -10.32 29.75
N ARG A 75 -10.23 -10.63 31.04
CA ARG A 75 -9.04 -11.12 31.74
C ARG A 75 -8.54 -12.46 31.20
N ASP A 76 -9.42 -13.16 30.49
CA ASP A 76 -9.13 -14.49 30.00
C ASP A 76 -8.78 -14.53 28.52
N ILE A 77 -9.15 -13.49 27.78
CA ILE A 77 -8.79 -13.41 26.34
C ILE A 77 -7.27 -13.53 26.06
N PRO A 78 -6.91 -14.54 25.26
CA PRO A 78 -5.55 -14.66 24.72
C PRO A 78 -5.04 -13.36 24.08
N VAL A 79 -3.77 -13.03 24.33
CA VAL A 79 -3.16 -11.81 23.85
C VAL A 79 -1.83 -12.15 23.16
N VAL A 80 -1.76 -11.95 21.85
CA VAL A 80 -0.47 -12.07 21.18
C VAL A 80 0.10 -10.69 20.87
N MET A 81 1.23 -10.40 21.51
CA MET A 81 1.90 -9.12 21.32
C MET A 81 2.67 -9.11 19.98
N LEU A 82 2.39 -8.10 19.16
CA LEU A 82 3.13 -7.83 17.92
C LEU A 82 4.23 -6.86 18.23
N THR A 83 5.48 -7.28 18.00
CA THR A 83 6.62 -6.44 18.28
C THR A 83 7.50 -6.31 17.00
N ALA A 84 8.19 -5.19 16.84
CA ALA A 84 9.15 -5.04 15.75
C ALA A 84 10.51 -5.51 16.23
N ARG A 85 11.46 -5.61 15.30
CA ARG A 85 12.81 -5.95 15.71
C ARG A 85 13.64 -4.67 15.85
N GLY A 86 14.38 -4.58 16.96
CA GLY A 86 15.23 -3.44 17.26
C GLY A 86 15.06 -2.80 18.64
N GLU A 96 7.34 -10.76 29.90
CA GLU A 96 7.41 -10.03 31.20
C GLU A 96 6.13 -9.26 31.32
N THR A 97 5.37 -9.34 30.23
CA THR A 97 4.47 -8.29 29.81
C THR A 97 3.00 -8.64 30.04
N GLY A 98 2.72 -9.91 30.24
CA GLY A 98 1.35 -10.34 30.33
C GLY A 98 0.82 -10.98 29.06
N ALA A 99 1.49 -10.79 27.91
CA ALA A 99 1.02 -11.48 26.70
C ALA A 99 1.24 -12.99 26.83
N ASP A 100 0.36 -13.78 26.21
CA ASP A 100 0.48 -15.23 26.20
C ASP A 100 1.51 -15.68 25.17
N ASP A 101 1.72 -14.83 24.16
CA ASP A 101 2.73 -15.04 23.14
C ASP A 101 3.05 -13.75 22.39
N TYR A 102 4.06 -13.82 21.54
CA TYR A 102 4.62 -12.64 20.91
C TYR A 102 4.93 -13.05 19.48
N ILE A 103 4.79 -12.13 18.55
CA ILE A 103 5.26 -12.38 17.20
C ILE A 103 5.89 -11.12 16.61
N THR A 104 7.07 -11.29 16.03
CA THR A 104 7.85 -10.18 15.48
C THR A 104 7.35 -9.74 14.09
N LYS A 105 7.41 -8.42 13.84
CA LYS A 105 7.13 -7.75 12.57
C LYS A 105 8.43 -7.43 11.83
N PRO A 106 8.58 -7.81 10.55
CA PRO A 106 7.55 -8.51 9.77
C PRO A 106 7.47 -10.03 10.05
N PHE A 107 6.30 -10.62 9.93
CA PHE A 107 6.11 -12.06 10.15
C PHE A 107 5.42 -12.64 8.94
N SER A 108 5.57 -13.92 8.70
CA SER A 108 4.99 -14.55 7.53
C SER A 108 3.52 -14.82 7.85
N PRO A 109 2.67 -14.93 6.84
CA PRO A 109 1.27 -15.27 7.10
C PRO A 109 1.10 -16.65 7.72
N LYS A 110 1.84 -17.65 7.30
CA LYS A 110 1.67 -18.96 7.94
C LYS A 110 2.09 -18.98 9.43
N GLU A 111 3.12 -18.20 9.78
CA GLU A 111 3.61 -18.05 11.14
C GLU A 111 2.52 -17.44 12.06
N LEU A 112 1.83 -16.43 11.56
CA LEU A 112 0.79 -15.78 12.32
C LEU A 112 -0.37 -16.73 12.60
N VAL A 113 -0.86 -17.42 11.57
CA VAL A 113 -2.00 -18.33 11.73
C VAL A 113 -1.62 -19.45 12.66
N ALA A 114 -0.52 -20.13 12.35
CA ALA A 114 -0.06 -21.23 13.18
C ALA A 114 0.07 -20.77 14.63
N ARG A 115 0.58 -19.57 14.83
CA ARG A 115 0.81 -19.03 16.17
C ARG A 115 -0.53 -18.78 16.85
N ILE A 116 -1.43 -18.12 16.13
CA ILE A 116 -2.75 -17.81 16.67
C ILE A 116 -3.46 -19.11 17.06
N LYS A 117 -3.27 -20.19 16.29
CA LYS A 117 -3.94 -21.45 16.64
C LYS A 117 -3.32 -22.21 17.82
N ALA A 118 -1.99 -22.13 17.94
CA ALA A 118 -1.28 -22.80 19.06
C ALA A 118 -1.70 -22.19 20.40
N VAL A 119 -2.05 -20.91 20.33
CA VAL A 119 -2.45 -20.15 21.49
C VAL A 119 -3.94 -20.40 21.83
N MET A 120 -4.84 -20.31 20.85
CA MET A 120 -6.26 -20.66 21.09
C MET A 120 -6.41 -21.94 21.93
N ARG A 121 -5.46 -22.87 21.78
CA ARG A 121 -5.23 -23.98 22.72
C ARG A 121 -5.02 -25.32 22.02
N MET B 1 -2.10 -13.52 -18.76
CA MET B 1 -1.94 -12.05 -18.90
C MET B 1 -1.37 -11.41 -17.65
N ALA B 2 -1.76 -11.89 -16.48
CA ALA B 2 -1.29 -11.27 -15.26
C ALA B 2 -0.70 -12.33 -14.34
N ARG B 3 -0.46 -13.50 -14.91
CA ARG B 3 -0.11 -14.68 -14.17
C ARG B 3 1.15 -14.54 -13.28
N ARG B 4 2.34 -14.59 -13.85
CA ARG B 4 3.56 -14.81 -13.03
C ARG B 4 4.25 -13.55 -12.46
N ILE B 5 4.44 -13.50 -11.14
CA ILE B 5 5.15 -12.38 -10.52
C ILE B 5 6.43 -12.86 -9.83
N LEU B 6 7.58 -12.33 -10.24
CA LEU B 6 8.84 -12.67 -9.57
C LEU B 6 9.00 -11.75 -8.36
N VAL B 7 8.99 -12.32 -7.15
CA VAL B 7 9.20 -11.54 -5.94
C VAL B 7 10.66 -11.71 -5.47
N VAL B 8 11.44 -10.65 -5.65
CA VAL B 8 12.86 -10.64 -5.28
C VAL B 8 13.00 -9.85 -4.00
N GLU B 9 13.24 -10.56 -2.90
CA GLU B 9 13.13 -10.01 -1.56
C GLU B 9 13.92 -10.93 -0.61
N ASP B 10 14.87 -10.38 0.12
CA ASP B 10 15.73 -11.24 0.93
C ASP B 10 15.06 -11.56 2.29
N GLU B 11 14.00 -10.85 2.63
CA GLU B 11 13.41 -11.09 3.93
C GLU B 11 12.25 -12.07 3.78
N ALA B 12 12.52 -13.28 4.31
CA ALA B 12 11.61 -14.39 4.24
C ALA B 12 10.20 -13.99 4.60
N PRO B 13 9.94 -13.36 5.76
CA PRO B 13 8.56 -13.03 6.12
C PRO B 13 7.88 -12.03 5.17
N ILE B 14 8.62 -11.06 4.63
CA ILE B 14 8.02 -10.12 3.69
C ILE B 14 7.73 -10.83 2.36
N ARG B 15 8.66 -11.68 1.98
CA ARG B 15 8.58 -12.31 0.68
C ARG B 15 7.37 -13.23 0.69
N GLU B 16 7.21 -13.94 1.80
CA GLU B 16 6.13 -14.92 1.99
C GLU B 16 4.79 -14.21 2.12
N MET B 17 4.84 -13.00 2.69
CA MET B 17 3.67 -12.13 2.78
C MET B 17 3.21 -11.74 1.38
N VAL B 18 4.16 -11.25 0.57
CA VAL B 18 3.87 -10.80 -0.77
C VAL B 18 3.33 -11.93 -1.63
N CYS B 19 3.98 -13.09 -1.60
CA CYS B 19 3.53 -14.25 -2.30
C CYS B 19 2.12 -14.68 -1.88
N PHE B 20 1.86 -14.69 -0.57
CA PHE B 20 0.53 -14.99 -0.05
C PHE B 20 -0.52 -14.02 -0.61
N VAL B 21 -0.26 -12.73 -0.58
CA VAL B 21 -1.26 -11.80 -1.12
C VAL B 21 -1.53 -12.06 -2.59
N LEU B 22 -0.46 -12.35 -3.32
CA LEU B 22 -0.51 -12.61 -4.74
C LEU B 22 -1.25 -13.88 -5.06
N GLU B 23 -0.82 -15.02 -4.48
CA GLU B 23 -1.55 -16.29 -4.58
C GLU B 23 -3.03 -16.01 -4.40
N GLN B 24 -3.35 -15.34 -3.30
CA GLN B 24 -4.73 -15.16 -2.89
C GLN B 24 -5.47 -14.21 -3.83
N ASN B 25 -4.71 -13.46 -4.61
CA ASN B 25 -5.26 -12.55 -5.63
C ASN B 25 -5.25 -13.09 -7.08
N GLY B 26 -4.90 -14.36 -7.24
CA GLY B 26 -5.02 -15.03 -8.53
C GLY B 26 -3.77 -14.98 -9.40
N PHE B 27 -2.67 -14.44 -8.82
CA PHE B 27 -1.35 -14.51 -9.42
C PHE B 27 -0.60 -15.82 -9.13
N GLN B 28 0.49 -16.06 -9.87
CA GLN B 28 1.41 -17.14 -9.57
C GLN B 28 2.72 -16.48 -9.17
N PRO B 29 2.96 -16.30 -7.89
CA PRO B 29 4.19 -15.66 -7.45
C PRO B 29 5.34 -16.68 -7.49
N VAL B 30 6.53 -16.20 -7.79
CA VAL B 30 7.74 -17.01 -7.73
C VAL B 30 8.75 -16.25 -6.87
N GLU B 31 9.41 -16.96 -5.95
CA GLU B 31 10.27 -16.36 -4.91
C GLU B 31 11.70 -16.32 -5.39
N ALA B 32 12.42 -15.24 -5.07
CA ALA B 32 13.86 -15.23 -5.28
C ALA B 32 14.42 -14.49 -4.08
N GLU B 33 15.25 -15.17 -3.31
CA GLU B 33 15.64 -14.68 -2.01
C GLU B 33 16.95 -13.90 -2.05
N ASP B 34 17.64 -13.95 -3.17
CA ASP B 34 18.88 -13.19 -3.33
C ASP B 34 19.11 -12.77 -4.79
N TYR B 35 20.11 -11.92 -4.97
CA TYR B 35 20.38 -11.32 -6.27
C TYR B 35 20.64 -12.43 -7.28
N ASP B 36 21.26 -13.51 -6.81
CA ASP B 36 21.65 -14.66 -7.64
C ASP B 36 20.53 -15.63 -8.08
N SER B 37 19.59 -15.96 -7.18
CA SER B 37 18.47 -16.82 -7.59
C SER B 37 17.45 -16.06 -8.43
N ALA B 38 17.46 -14.73 -8.34
CA ALA B 38 16.63 -13.88 -9.20
C ALA B 38 17.17 -13.94 -10.64
N VAL B 39 18.44 -13.60 -10.83
CA VAL B 39 19.08 -13.74 -12.15
C VAL B 39 18.74 -15.11 -12.75
N ASN B 40 18.60 -16.09 -11.86
CA ASN B 40 18.42 -17.53 -12.13
C ASN B 40 16.99 -17.92 -12.49
N GLN B 41 16.04 -17.03 -12.20
CA GLN B 41 14.63 -17.25 -12.51
C GLN B 41 14.20 -16.55 -13.79
N LEU B 42 15.12 -15.79 -14.35
CA LEU B 42 14.92 -15.16 -15.66
C LEU B 42 14.97 -16.20 -16.79
N ASN B 43 13.89 -16.97 -16.93
CA ASN B 43 13.72 -17.95 -18.02
C ASN B 43 12.25 -18.22 -18.25
N GLU B 44 11.96 -18.93 -19.34
CA GLU B 44 10.61 -19.32 -19.70
C GLU B 44 10.02 -20.33 -18.68
N PRO B 45 8.76 -20.15 -18.27
CA PRO B 45 7.94 -18.99 -18.62
C PRO B 45 8.37 -17.79 -17.82
N TRP B 46 8.42 -16.65 -18.49
CA TRP B 46 8.97 -15.43 -17.97
C TRP B 46 8.02 -14.76 -17.01
N PRO B 47 8.55 -13.99 -16.05
CA PRO B 47 7.70 -13.23 -15.13
C PRO B 47 6.91 -12.18 -15.93
N ASP B 48 5.67 -11.91 -15.56
CA ASP B 48 4.87 -10.84 -16.17
C ASP B 48 5.17 -9.50 -15.49
N LEU B 49 5.83 -9.55 -14.33
CA LEU B 49 6.22 -8.38 -13.53
C LEU B 49 7.14 -8.83 -12.39
N ILE B 50 8.11 -8.00 -12.07
CA ILE B 50 9.08 -8.30 -11.06
C ILE B 50 8.89 -7.26 -9.97
N LEU B 51 8.80 -7.74 -8.74
CA LEU B 51 8.76 -6.90 -7.59
C LEU B 51 10.13 -7.04 -7.01
N LEU B 52 10.82 -5.90 -6.85
CA LEU B 52 12.22 -5.88 -6.56
C LEU B 52 12.55 -5.08 -5.32
N ASP B 53 13.10 -5.78 -4.33
CA ASP B 53 13.64 -5.14 -3.15
C ASP B 53 14.84 -4.27 -3.56
N TRP B 54 14.85 -3.04 -3.06
CA TRP B 54 15.84 -2.07 -3.52
C TRP B 54 17.26 -2.49 -3.12
N MET B 55 17.40 -3.23 -2.02
CA MET B 55 18.71 -3.59 -1.53
C MET B 55 18.81 -5.03 -1.03
N LEU B 56 19.67 -5.81 -1.66
CA LEU B 56 19.90 -7.17 -1.20
C LEU B 56 21.37 -7.42 -0.91
N PRO B 57 21.67 -8.59 -0.35
CA PRO B 57 23.04 -9.15 -0.46
C PRO B 57 23.12 -9.94 -1.78
N GLY B 58 24.29 -9.84 -2.40
CA GLY B 58 24.43 -10.02 -3.82
C GLY B 58 24.50 -8.60 -4.39
N GLY B 59 23.39 -7.86 -4.34
CA GLY B 59 23.36 -6.54 -4.92
C GLY B 59 22.15 -5.71 -4.62
N SER B 60 22.10 -4.53 -5.23
CA SER B 60 20.98 -3.61 -5.02
C SER B 60 19.89 -3.81 -6.08
N GLY B 61 18.76 -3.14 -5.89
CA GLY B 61 17.74 -3.05 -6.92
C GLY B 61 18.24 -2.34 -8.18
N ILE B 62 18.87 -1.18 -7.97
CA ILE B 62 19.42 -0.35 -9.04
C ILE B 62 20.22 -1.19 -10.07
N GLN B 63 20.92 -2.22 -9.58
CA GLN B 63 21.73 -3.04 -10.48
C GLN B 63 21.08 -4.28 -11.02
N PHE B 64 20.06 -4.78 -10.32
CA PHE B 64 19.32 -5.91 -10.88
C PHE B 64 18.62 -5.46 -12.16
N ILE B 65 18.18 -4.21 -12.16
CA ILE B 65 17.40 -3.68 -13.26
C ILE B 65 18.35 -3.47 -14.40
N LYS B 66 19.53 -2.94 -14.09
CA LYS B 66 20.49 -2.64 -15.12
C LYS B 66 20.78 -3.94 -15.87
N HIS B 67 20.72 -5.06 -15.15
CA HIS B 67 20.83 -6.39 -15.73
C HIS B 67 19.65 -6.77 -16.62
N LEU B 68 18.45 -6.42 -16.17
CA LEU B 68 17.24 -6.72 -16.92
C LEU B 68 17.19 -5.98 -18.23
N LYS B 69 17.81 -4.80 -18.28
CA LYS B 69 17.75 -3.95 -19.46
C LYS B 69 18.77 -4.33 -20.51
N ARG B 70 19.76 -5.10 -20.10
CA ARG B 70 20.82 -5.49 -21.01
C ARG B 70 20.32 -6.53 -21.99
N GLU B 71 19.22 -7.20 -21.70
CA GLU B 71 18.79 -8.29 -22.56
C GLU B 71 17.43 -7.99 -23.13
N SER B 72 17.27 -8.27 -24.40
CA SER B 72 16.03 -7.94 -25.07
C SER B 72 14.84 -8.78 -24.55
N MET B 73 15.11 -10.00 -24.08
CA MET B 73 14.07 -10.83 -23.46
C MET B 73 13.56 -10.30 -22.11
N THR B 74 14.32 -9.42 -21.46
CA THR B 74 13.88 -8.91 -20.16
C THR B 74 13.66 -7.41 -20.08
N ARG B 75 14.18 -6.66 -21.06
CA ARG B 75 14.20 -5.21 -20.99
C ARG B 75 12.80 -4.65 -20.83
N ASP B 76 11.78 -5.38 -21.25
CA ASP B 76 10.41 -4.83 -21.23
C ASP B 76 9.55 -5.30 -20.07
N ILE B 77 10.09 -6.17 -19.22
CA ILE B 77 9.29 -6.69 -18.14
C ILE B 77 9.17 -5.56 -17.11
N PRO B 78 7.93 -5.25 -16.72
CA PRO B 78 7.67 -4.25 -15.67
C PRO B 78 8.27 -4.61 -14.31
N VAL B 79 8.81 -3.59 -13.67
CA VAL B 79 9.57 -3.72 -12.42
C VAL B 79 9.03 -2.71 -11.43
N VAL B 80 8.58 -3.20 -10.28
CA VAL B 80 8.12 -2.31 -9.22
C VAL B 80 9.08 -2.46 -8.06
N MET B 81 9.65 -1.34 -7.62
CA MET B 81 10.64 -1.39 -6.54
C MET B 81 9.93 -1.45 -5.20
N LEU B 82 10.42 -2.30 -4.30
CA LEU B 82 9.98 -2.31 -2.89
C LEU B 82 10.96 -1.48 -2.09
N THR B 83 10.50 -0.36 -1.54
CA THR B 83 11.40 0.53 -0.77
C THR B 83 10.86 0.70 0.66
N ALA B 84 11.75 0.96 1.61
CA ALA B 84 11.32 1.42 2.94
C ALA B 84 11.22 2.93 2.82
N ARG B 85 10.93 3.61 3.92
CA ARG B 85 10.77 5.08 3.89
C ARG B 85 12.08 5.87 4.05
N GLY B 86 12.08 7.10 3.52
CA GLY B 86 13.24 7.98 3.57
C GLY B 86 14.27 7.66 2.50
N GLU B 87 15.52 7.52 2.92
CA GLU B 87 16.66 7.20 2.03
C GLU B 87 16.24 6.38 0.80
N GLU B 88 15.65 5.21 1.01
CA GLU B 88 15.30 4.27 -0.06
C GLU B 88 14.27 4.88 -0.99
N GLU B 89 13.17 5.33 -0.41
CA GLU B 89 12.08 5.95 -1.12
C GLU B 89 12.57 6.99 -2.12
N ASP B 90 13.16 8.05 -1.58
CA ASP B 90 13.57 9.24 -2.33
C ASP B 90 14.74 8.92 -3.25
N ARG B 91 15.66 8.10 -2.75
CA ARG B 91 16.84 7.67 -3.50
C ARG B 91 16.52 6.77 -4.69
N VAL B 92 15.31 6.20 -4.68
CA VAL B 92 14.86 5.30 -5.74
C VAL B 92 14.19 6.05 -6.89
N ARG B 93 13.24 6.92 -6.57
CA ARG B 93 12.55 7.75 -7.57
C ARG B 93 13.50 8.72 -8.31
N GLY B 94 12.92 9.55 -9.18
CA GLY B 94 13.69 10.27 -10.19
C GLY B 94 13.85 9.32 -11.36
N LEU B 95 15.05 9.26 -11.93
CA LEU B 95 15.39 8.18 -12.85
C LEU B 95 16.09 7.07 -12.07
N GLU B 96 17.36 7.32 -11.74
CA GLU B 96 18.26 6.49 -10.93
C GLU B 96 17.70 5.19 -10.41
N THR B 97 17.18 4.38 -11.31
CA THR B 97 16.49 3.14 -10.97
C THR B 97 16.08 2.48 -12.28
N GLY B 98 15.10 3.17 -12.97
CA GLY B 98 14.54 2.64 -14.20
C GLY B 98 13.40 1.70 -13.92
N ALA B 99 12.97 1.63 -12.67
CA ALA B 99 11.79 0.88 -12.25
C ALA B 99 10.54 1.58 -12.74
N ASP B 100 9.50 0.82 -13.09
CA ASP B 100 8.23 1.38 -13.56
C ASP B 100 7.34 1.99 -12.50
N ASP B 101 7.56 1.59 -11.25
CA ASP B 101 6.92 2.22 -10.08
C ASP B 101 7.65 1.79 -8.79
N TYR B 102 7.17 2.26 -7.65
CA TYR B 102 7.72 1.91 -6.37
C TYR B 102 6.57 1.72 -5.45
N ILE B 103 6.73 0.83 -4.50
CA ILE B 103 5.79 0.71 -3.41
C ILE B 103 6.56 0.59 -2.08
N THR B 104 6.09 1.30 -1.07
CA THR B 104 6.85 1.58 0.13
C THR B 104 6.34 0.63 1.18
N LYS B 105 7.27 -0.11 1.81
CA LYS B 105 7.00 -0.97 2.96
C LYS B 105 6.81 -0.09 4.20
N PRO B 106 5.87 -0.44 5.08
CA PRO B 106 4.87 -1.51 4.85
C PRO B 106 3.71 -1.02 3.98
N PHE B 107 3.11 -1.92 3.21
CA PHE B 107 2.00 -1.54 2.35
C PHE B 107 0.92 -2.60 2.52
N SER B 108 -0.31 -2.22 2.20
CA SER B 108 -1.43 -3.11 2.34
C SER B 108 -1.57 -4.05 1.15
N PRO B 109 -2.29 -5.14 1.37
CA PRO B 109 -2.62 -6.07 0.29
C PRO B 109 -3.29 -5.31 -0.88
N LYS B 110 -4.28 -4.47 -0.62
CA LYS B 110 -4.98 -3.74 -1.67
C LYS B 110 -4.04 -2.82 -2.45
N GLU B 111 -3.17 -2.11 -1.75
CA GLU B 111 -2.22 -1.23 -2.43
C GLU B 111 -1.23 -2.02 -3.31
N LEU B 112 -0.77 -3.19 -2.87
CA LEU B 112 0.19 -3.95 -3.65
C LEU B 112 -0.44 -4.40 -4.96
N VAL B 113 -1.68 -4.87 -4.84
CA VAL B 113 -2.43 -5.40 -5.95
C VAL B 113 -2.82 -4.30 -6.91
N ALA B 114 -3.41 -3.22 -6.39
CA ALA B 114 -3.74 -2.02 -7.18
C ALA B 114 -2.53 -1.56 -8.00
N ARG B 115 -1.39 -1.49 -7.33
CA ARG B 115 -0.18 -1.01 -7.93
C ARG B 115 0.36 -1.91 -9.05
N ILE B 116 0.42 -3.21 -8.81
CA ILE B 116 0.81 -4.21 -9.81
C ILE B 116 -0.13 -4.27 -11.01
N LYS B 117 -1.43 -4.18 -10.77
CA LYS B 117 -2.40 -4.21 -11.86
C LYS B 117 -2.35 -2.96 -12.71
N ALA B 118 -2.21 -1.79 -12.07
CA ALA B 118 -2.05 -0.55 -12.82
C ALA B 118 -0.83 -0.64 -13.73
N VAL B 119 0.30 -1.08 -13.16
CA VAL B 119 1.55 -1.19 -13.90
C VAL B 119 1.42 -2.12 -15.10
N MET B 120 0.75 -3.26 -14.96
CA MET B 120 0.74 -4.28 -15.99
C MET B 120 -0.17 -3.96 -17.16
N ARG B 121 -1.37 -3.46 -16.83
CA ARG B 121 -2.35 -3.07 -17.85
C ARG B 121 -1.72 -2.11 -18.83
N ARG B 122 -1.02 -1.10 -18.28
CA ARG B 122 -0.57 0.02 -19.08
C ARG B 122 0.64 -0.27 -19.98
N ILE B 123 1.43 -1.28 -19.65
CA ILE B 123 2.44 -1.77 -20.60
C ILE B 123 1.74 -2.51 -21.76
N SER B 124 0.68 -3.24 -21.40
CA SER B 124 -0.04 -4.13 -22.31
C SER B 124 -0.94 -3.41 -23.33
N ARG C 3 2.23 21.71 -17.49
CA ARG C 3 2.50 22.09 -16.07
C ARG C 3 1.22 22.33 -15.24
N ARG C 4 0.05 22.08 -15.84
CA ARG C 4 -1.23 22.57 -15.30
C ARG C 4 -1.98 21.45 -14.62
N ILE C 5 -2.24 21.62 -13.32
CA ILE C 5 -2.92 20.60 -12.54
C ILE C 5 -4.26 21.07 -11.95
N LEU C 6 -5.34 20.36 -12.31
CA LEU C 6 -6.66 20.60 -11.75
C LEU C 6 -6.84 19.76 -10.50
N VAL C 7 -7.09 20.43 -9.38
CA VAL C 7 -7.13 19.79 -8.07
C VAL C 7 -8.61 19.84 -7.67
N VAL C 8 -9.23 18.67 -7.65
CA VAL C 8 -10.63 18.56 -7.34
C VAL C 8 -10.75 17.96 -5.95
N GLU C 9 -11.11 18.78 -4.96
CA GLU C 9 -11.09 18.35 -3.56
C GLU C 9 -12.06 19.26 -2.82
N ASP C 10 -13.07 18.71 -2.16
CA ASP C 10 -14.06 19.61 -1.54
C ASP C 10 -13.62 20.22 -0.21
N GLU C 11 -12.59 19.61 0.42
CA GLU C 11 -12.10 20.12 1.71
C GLU C 11 -11.03 21.17 1.47
N ALA C 12 -11.42 22.43 1.69
CA ALA C 12 -10.57 23.57 1.45
C ALA C 12 -9.16 23.42 2.04
N PRO C 13 -9.04 23.09 3.33
CA PRO C 13 -7.70 22.97 3.91
C PRO C 13 -6.86 22.00 3.08
N ILE C 14 -7.41 20.85 2.72
CA ILE C 14 -6.66 19.87 1.91
C ILE C 14 -6.32 20.39 0.52
N ARG C 15 -7.29 21.07 -0.09
CA ARG C 15 -7.09 21.58 -1.44
C ARG C 15 -5.95 22.59 -1.45
N GLU C 16 -6.01 23.54 -0.53
CA GLU C 16 -4.98 24.58 -0.41
C GLU C 16 -3.60 23.97 -0.06
N MET C 17 -3.57 23.04 0.88
CA MET C 17 -2.33 22.34 1.16
C MET C 17 -1.75 21.74 -0.15
N VAL C 18 -2.61 21.12 -0.95
CA VAL C 18 -2.15 20.46 -2.13
C VAL C 18 -1.68 21.47 -3.17
N CYS C 19 -2.45 22.56 -3.33
CA CYS C 19 -2.07 23.57 -4.30
C CYS C 19 -0.72 24.18 -3.97
N PHE C 20 -0.47 24.45 -2.69
CA PHE C 20 0.81 24.94 -2.21
C PHE C 20 2.04 24.03 -2.49
N VAL C 21 1.93 22.74 -2.20
CA VAL C 21 3.02 21.83 -2.53
C VAL C 21 3.34 21.88 -4.04
N LEU C 22 2.30 21.70 -4.87
CA LEU C 22 2.40 21.83 -6.31
C LEU C 22 3.08 23.13 -6.76
N GLU C 23 2.57 24.25 -6.25
CA GLU C 23 3.11 25.58 -6.53
C GLU C 23 4.58 25.71 -6.19
N GLN C 24 4.97 25.16 -5.04
CA GLN C 24 6.37 25.26 -4.62
C GLN C 24 7.22 24.27 -5.37
N ASN C 25 6.61 23.55 -6.31
CA ASN C 25 7.30 22.52 -7.08
C ASN C 25 7.23 22.78 -8.58
N GLY C 26 6.88 24.01 -8.93
CA GLY C 26 6.88 24.40 -10.32
C GLY C 26 5.60 24.07 -11.05
N PHE C 27 4.59 23.52 -10.39
CA PHE C 27 3.34 23.22 -11.08
C PHE C 27 2.45 24.47 -11.11
N GLN C 28 1.43 24.43 -11.96
CA GLN C 28 0.45 25.48 -12.07
C GLN C 28 -0.90 24.88 -11.67
N PRO C 29 -1.23 24.84 -10.36
CA PRO C 29 -2.47 24.21 -9.90
C PRO C 29 -3.71 25.06 -10.18
N VAL C 30 -4.85 24.48 -10.54
CA VAL C 30 -6.16 25.18 -10.48
C VAL C 30 -7.19 24.43 -9.63
N GLU C 31 -8.06 25.16 -8.94
CA GLU C 31 -8.92 24.59 -7.91
C GLU C 31 -10.37 24.31 -8.35
N ALA C 32 -10.84 23.10 -8.10
CA ALA C 32 -12.28 22.80 -8.13
C ALA C 32 -12.75 22.18 -6.84
N GLU C 33 -13.90 22.63 -6.36
CA GLU C 33 -14.40 22.12 -5.09
C GLU C 33 -15.50 21.07 -5.17
N ASP C 34 -15.89 20.67 -6.38
CA ASP C 34 -17.01 19.75 -6.61
C ASP C 34 -17.12 19.37 -8.08
N TYR C 35 -18.09 18.51 -8.42
CA TYR C 35 -18.24 17.99 -9.80
C TYR C 35 -18.43 19.11 -10.80
N ASP C 36 -19.37 20.00 -10.50
CA ASP C 36 -19.77 21.05 -11.41
C ASP C 36 -18.66 22.06 -11.66
N SER C 37 -17.97 22.45 -10.61
CA SER C 37 -16.88 23.38 -10.84
C SER C 37 -15.70 22.69 -11.53
N ALA C 38 -15.58 21.36 -11.36
CA ALA C 38 -14.56 20.61 -12.08
C ALA C 38 -14.89 20.55 -13.58
N VAL C 39 -16.16 20.25 -13.92
CA VAL C 39 -16.67 20.30 -15.31
C VAL C 39 -16.47 21.66 -15.97
N ASN C 40 -16.66 22.73 -15.20
CA ASN C 40 -16.42 24.10 -15.66
C ASN C 40 -14.94 24.41 -15.99
N GLN C 41 -14.01 23.53 -15.58
CA GLN C 41 -12.58 23.77 -15.87
C GLN C 41 -12.06 23.05 -17.13
N LEU C 42 -12.93 22.26 -17.74
CA LEU C 42 -12.58 21.41 -18.87
C LEU C 42 -12.69 22.16 -20.19
N ASN C 43 -11.67 22.98 -20.43
CA ASN C 43 -11.58 23.78 -21.64
C ASN C 43 -10.12 24.15 -21.84
N GLU C 44 -9.81 24.80 -22.95
CA GLU C 44 -8.46 25.26 -23.26
C GLU C 44 -8.08 26.43 -22.36
N PRO C 45 -6.88 26.44 -21.77
CA PRO C 45 -5.90 25.35 -21.88
C PRO C 45 -6.25 24.18 -20.95
N TRP C 46 -6.12 22.96 -21.45
CA TRP C 46 -6.55 21.80 -20.68
C TRP C 46 -5.63 21.57 -19.51
N PRO C 47 -6.15 20.98 -18.41
CA PRO C 47 -5.29 20.40 -17.38
C PRO C 47 -4.40 19.36 -17.98
N ASP C 48 -3.14 19.36 -17.57
CA ASP C 48 -2.20 18.27 -17.89
C ASP C 48 -2.49 16.98 -17.14
N LEU C 49 -3.04 17.10 -15.93
CA LEU C 49 -3.41 15.99 -15.04
C LEU C 49 -4.51 16.43 -14.06
N ILE C 50 -5.44 15.53 -13.73
CA ILE C 50 -6.44 15.88 -12.70
C ILE C 50 -6.19 15.12 -11.38
N LEU C 51 -6.03 15.86 -10.29
CA LEU C 51 -5.96 15.29 -8.96
C LEU C 51 -7.36 15.32 -8.42
N LEU C 52 -7.90 14.14 -8.16
CA LEU C 52 -9.32 14.01 -8.00
C LEU C 52 -9.62 13.32 -6.70
N ASP C 53 -10.36 13.99 -5.81
CA ASP C 53 -10.77 13.39 -4.54
C ASP C 53 -11.88 12.35 -4.78
N TRP C 54 -11.86 11.23 -4.04
CA TRP C 54 -12.76 10.11 -4.27
C TRP C 54 -14.24 10.37 -3.94
N MET C 55 -14.46 11.27 -3.02
CA MET C 55 -15.79 11.66 -2.60
C MET C 55 -15.98 13.18 -2.55
N LEU C 56 -16.98 13.63 -3.30
CA LEU C 56 -17.26 15.05 -3.46
C LEU C 56 -18.73 15.35 -3.14
N PRO C 57 -19.07 16.62 -2.95
CA PRO C 57 -20.49 17.00 -3.03
C PRO C 57 -20.87 17.00 -4.51
N GLY C 58 -21.98 16.32 -4.85
CA GLY C 58 -22.55 16.51 -6.17
C GLY C 58 -22.10 15.60 -7.31
N GLY C 59 -20.86 15.13 -7.26
CA GLY C 59 -20.39 14.12 -8.19
C GLY C 59 -19.15 13.38 -7.72
N SER C 60 -19.29 12.08 -7.46
CA SER C 60 -18.19 11.27 -6.93
C SER C 60 -17.00 11.28 -7.87
N GLY C 61 -15.85 10.88 -7.35
CA GLY C 61 -14.65 10.74 -8.16
C GLY C 61 -14.94 10.00 -9.45
N ILE C 62 -15.42 8.76 -9.34
CA ILE C 62 -15.71 7.91 -10.52
C ILE C 62 -16.79 8.51 -11.43
N GLN C 63 -17.85 9.07 -10.83
CA GLN C 63 -18.90 9.75 -11.61
C GLN C 63 -18.24 10.75 -12.55
N PHE C 64 -17.32 11.56 -12.01
CA PHE C 64 -16.53 12.51 -12.76
C PHE C 64 -15.56 11.88 -13.78
N ILE C 65 -14.92 10.76 -13.43
CA ILE C 65 -14.04 10.06 -14.40
C ILE C 65 -14.88 9.51 -15.55
N LYS C 66 -16.06 8.98 -15.23
CA LYS C 66 -17.03 8.58 -16.24
C LYS C 66 -17.27 9.73 -17.20
N HIS C 67 -17.41 10.94 -16.65
CA HIS C 67 -17.64 12.11 -17.48
C HIS C 67 -16.45 12.38 -18.37
N LEU C 68 -15.24 12.17 -17.82
CA LEU C 68 -14.01 12.47 -18.54
C LEU C 68 -13.79 11.56 -19.75
N LYS C 69 -14.23 10.32 -19.64
CA LYS C 69 -13.95 9.35 -20.69
C LYS C 69 -14.98 9.42 -21.80
N ARG C 70 -16.07 10.11 -21.52
CA ARG C 70 -17.21 10.17 -22.41
C ARG C 70 -16.97 11.07 -23.62
N GLU C 71 -15.91 11.86 -23.58
CA GLU C 71 -15.54 12.74 -24.69
C GLU C 71 -14.07 12.63 -24.96
N SER C 72 -13.71 12.61 -26.25
CA SER C 72 -12.32 12.43 -26.68
C SER C 72 -11.34 13.52 -26.21
N MET C 73 -11.86 14.73 -25.97
CA MET C 73 -11.06 15.88 -25.51
C MET C 73 -10.39 15.65 -24.15
N THR C 74 -11.06 14.86 -23.32
CA THR C 74 -10.70 14.64 -21.92
C THR C 74 -10.28 13.19 -21.62
N ARG C 75 -10.65 12.27 -22.51
CA ARG C 75 -10.49 10.83 -22.34
C ARG C 75 -9.06 10.41 -22.02
N ASP C 76 -8.09 11.20 -22.46
CA ASP C 76 -6.69 10.85 -22.24
C ASP C 76 -6.00 11.75 -21.21
N ILE C 77 -6.76 12.59 -20.51
CA ILE C 77 -6.18 13.41 -19.44
C ILE C 77 -5.91 12.50 -18.25
N PRO C 78 -4.65 12.46 -17.84
CA PRO C 78 -4.25 11.73 -16.63
C PRO C 78 -5.06 12.12 -15.39
N VAL C 79 -5.55 11.12 -14.67
CA VAL C 79 -6.21 11.32 -13.39
C VAL C 79 -5.45 10.55 -12.31
N VAL C 80 -5.18 11.20 -11.19
CA VAL C 80 -4.66 10.52 -10.02
C VAL C 80 -5.68 10.74 -8.92
N MET C 81 -6.13 9.65 -8.33
CA MET C 81 -7.17 9.76 -7.33
C MET C 81 -6.61 10.03 -5.93
N LEU C 82 -7.35 10.81 -5.16
CA LEU C 82 -7.02 11.06 -3.76
C LEU C 82 -7.92 10.18 -2.95
N THR C 83 -7.31 9.28 -2.20
CA THR C 83 -8.05 8.31 -1.42
C THR C 83 -7.79 8.55 0.06
N ALA C 84 -8.81 8.36 0.89
CA ALA C 84 -8.66 8.54 2.34
C ALA C 84 -8.14 7.28 3.05
N THR C 97 -12.04 2.56 -9.02
CA THR C 97 -11.77 2.32 -10.47
C THR C 97 -11.84 3.60 -11.31
N GLY C 98 -10.99 3.67 -12.33
CA GLY C 98 -10.99 4.77 -13.27
C GLY C 98 -9.65 5.47 -13.43
N ALA C 99 -8.91 5.64 -12.34
CA ALA C 99 -7.73 6.51 -12.33
C ALA C 99 -6.42 5.84 -12.77
N ASP C 100 -5.55 6.64 -13.38
CA ASP C 100 -4.23 6.16 -13.79
C ASP C 100 -3.41 5.76 -12.53
N ASP C 101 -3.50 6.59 -11.49
CA ASP C 101 -3.00 6.21 -10.16
C ASP C 101 -3.81 6.71 -8.99
N TYR C 102 -3.33 6.38 -7.79
CA TYR C 102 -4.00 6.67 -6.53
C TYR C 102 -2.93 7.10 -5.52
N ILE C 103 -3.28 8.09 -4.71
CA ILE C 103 -2.46 8.46 -3.57
C ILE C 103 -3.35 8.68 -2.34
N THR C 104 -2.98 8.04 -1.24
CA THR C 104 -3.82 7.98 -0.03
C THR C 104 -3.59 9.17 0.91
N LYS C 105 -4.66 9.74 1.45
CA LYS C 105 -4.62 10.88 2.37
C LYS C 105 -4.53 10.34 3.80
N PRO C 106 -3.61 10.85 4.64
CA PRO C 106 -2.70 11.96 4.29
C PRO C 106 -1.46 11.46 3.54
N PHE C 107 -0.90 12.29 2.69
CA PHE C 107 0.33 11.96 1.98
C PHE C 107 1.31 13.10 2.24
N SER C 108 2.60 12.85 2.01
CA SER C 108 3.62 13.88 2.17
C SER C 108 3.76 14.66 0.86
N PRO C 109 4.23 15.92 0.96
CA PRO C 109 4.57 16.72 -0.23
C PRO C 109 5.44 15.94 -1.26
N LYS C 110 6.49 15.28 -0.82
CA LYS C 110 7.34 14.58 -1.80
C LYS C 110 6.70 13.32 -2.43
N GLU C 111 5.82 12.66 -1.69
CA GLU C 111 5.04 11.56 -2.23
C GLU C 111 4.06 12.03 -3.31
N LEU C 112 3.37 13.13 -3.07
CA LEU C 112 2.46 13.70 -4.05
C LEU C 112 3.20 14.04 -5.36
N VAL C 113 4.35 14.70 -5.22
CA VAL C 113 5.10 15.24 -6.36
C VAL C 113 5.74 14.11 -7.14
N ALA C 114 6.30 13.13 -6.42
CA ALA C 114 6.82 11.93 -7.08
C ALA C 114 5.74 11.25 -7.95
N ARG C 115 4.60 10.95 -7.34
CA ARG C 115 3.50 10.28 -8.04
C ARG C 115 3.11 11.04 -9.33
N ILE C 116 2.78 12.31 -9.18
CA ILE C 116 2.36 13.07 -10.35
C ILE C 116 3.38 13.03 -11.50
N LYS C 117 4.66 13.22 -11.18
CA LYS C 117 5.73 13.31 -12.17
C LYS C 117 5.97 11.99 -12.90
N ALA C 118 5.71 10.87 -12.21
CA ALA C 118 5.75 9.56 -12.86
C ALA C 118 4.65 9.46 -13.92
N VAL C 119 3.42 9.82 -13.53
CA VAL C 119 2.26 9.69 -14.43
C VAL C 119 2.38 10.57 -15.67
N MET C 120 2.97 11.76 -15.49
CA MET C 120 3.12 12.69 -16.59
C MET C 120 4.23 12.32 -17.58
N ARG C 121 5.37 11.83 -17.07
CA ARG C 121 6.50 11.48 -17.93
C ARG C 121 6.23 10.21 -18.77
N ARG C 122 5.15 9.50 -18.43
CA ARG C 122 4.76 8.24 -19.08
C ARG C 122 4.37 8.38 -20.56
MG MG D . 2.50 0.91 16.55
MG MG E . 16.13 -6.43 1.48
MG MG F . -13.88 14.77 -0.37
#